data_6EFB
#
_entry.id   6EFB
#
_cell.length_a   24.270
_cell.length_b   62.580
_cell.length_c   62.930
_cell.angle_alpha   90.00
_cell.angle_beta   98.60
_cell.angle_gamma   90.00
#
_symmetry.space_group_name_H-M   'P 1 21 1'
#
loop_
_entity.id
_entity.type
_entity.pdbx_description
1 polymer 'SK150 siglec + Unique'
2 non-polymer GLYCEROL
3 non-polymer 'CALCIUM ION'
4 non-polymer 'SULFATE ION'
5 water water
#
_entity_poly.entity_id   1
_entity_poly.type   'polypeptide(L)'
_entity_poly.pdbx_seq_one_letter_code
;GPGSVDTERPVVDFPGEINVYRGESFEFIATATDNSNAFDINKTYVRWYNGTDSGRGTEWIEKTVTQEGNLLKVKVHGKV
PVDTDIGHYTRYVMVTDAAGNQNVSNEEFSAALTNKDRILNGQFRIVIRYRPNLPENTVLVNNPSQLSETEKNQVREAIK
QSNPNLRPIDVAGKNLDTAISVSNNGTTTITFRDNRKATIQGKDLVDTRAGS
;
_entity_poly.pdbx_strand_id   A
#
# COMPACT_ATOMS: atom_id res chain seq x y z
N ASP A 6 12.50 12.26 -34.46
CA ASP A 6 11.50 12.01 -33.41
C ASP A 6 11.71 12.95 -32.21
N THR A 7 10.79 13.91 -32.06
CA THR A 7 10.79 14.83 -30.93
C THR A 7 9.49 14.78 -30.14
N GLU A 8 8.72 13.71 -30.29
CA GLU A 8 7.49 13.51 -29.53
C GLU A 8 7.78 12.52 -28.39
N ARG A 9 7.41 12.91 -27.17
CA ARG A 9 7.69 12.10 -25.98
C ARG A 9 6.78 10.88 -25.91
N PRO A 10 7.29 9.75 -25.44
CA PRO A 10 6.41 8.60 -25.15
C PRO A 10 5.48 8.96 -23.99
N VAL A 11 4.44 8.14 -23.82
CA VAL A 11 3.36 8.42 -22.87
C VAL A 11 3.05 7.16 -22.09
N VAL A 12 3.11 7.25 -20.77
CA VAL A 12 2.85 6.13 -19.88
C VAL A 12 1.39 6.17 -19.43
N ASP A 13 0.77 5.00 -19.31
CA ASP A 13 -0.55 4.86 -18.70
C ASP A 13 -0.41 3.97 -17.48
N PHE A 14 -0.78 4.50 -16.31
CA PHE A 14 -0.58 3.83 -15.02
C PHE A 14 -1.46 4.53 -14.00
N PRO A 15 -2.07 3.78 -13.07
CA PRO A 15 -2.92 4.43 -12.05
C PRO A 15 -2.16 5.50 -11.29
N GLY A 16 -2.89 6.49 -10.80
CA GLY A 16 -2.30 7.55 -9.99
C GLY A 16 -2.10 7.19 -8.53
N GLU A 17 -2.68 6.08 -8.10
CA GLU A 17 -2.48 5.59 -6.74
C GLU A 17 -2.56 4.08 -6.74
N ILE A 18 -1.61 3.43 -6.08
CA ILE A 18 -1.64 1.99 -5.92
C ILE A 18 -1.43 1.67 -4.45
N ASN A 19 -2.05 0.58 -4.00
CA ASN A 19 -1.95 0.17 -2.60
C ASN A 19 -1.20 -1.14 -2.52
N VAL A 20 -0.23 -1.23 -1.62
CA VAL A 20 0.50 -2.47 -1.40
C VAL A 20 0.48 -2.76 0.10
N TYR A 21 0.74 -4.02 0.44
CA TYR A 21 0.54 -4.51 1.79
C TYR A 21 1.80 -5.20 2.30
N ARG A 22 2.20 -4.86 3.52
CA ARG A 22 3.41 -5.45 4.09
C ARG A 22 3.28 -6.97 4.14
N GLY A 23 4.38 -7.65 3.80
CA GLY A 23 4.41 -9.09 3.76
C GLY A 23 3.83 -9.73 2.51
N GLU A 24 3.30 -8.94 1.57
CA GLU A 24 2.64 -9.50 0.39
C GLU A 24 3.34 -9.02 -0.87
N SER A 25 3.27 -9.84 -1.92
N SER A 25 3.36 -9.87 -1.89
CA SER A 25 3.79 -9.39 -3.20
CA SER A 25 3.88 -9.42 -3.17
C SER A 25 2.71 -8.61 -3.95
C SER A 25 2.80 -8.64 -3.92
N PHE A 26 3.16 -7.82 -4.92
CA PHE A 26 2.27 -6.98 -5.70
C PHE A 26 2.75 -6.97 -7.14
N GLU A 27 1.86 -6.60 -8.03
CA GLU A 27 2.19 -6.49 -9.46
C GLU A 27 1.19 -5.55 -10.11
N PHE A 28 1.70 -4.51 -10.72
CA PHE A 28 0.89 -3.59 -11.50
C PHE A 28 1.57 -3.39 -12.84
N ILE A 29 0.76 -3.22 -13.89
CA ILE A 29 1.29 -3.07 -15.25
C ILE A 29 1.13 -1.64 -15.70
N ALA A 30 2.24 -0.99 -16.03
CA ALA A 30 2.23 0.25 -16.78
C ALA A 30 2.37 -0.09 -18.25
N THR A 31 1.67 0.63 -19.10
CA THR A 31 1.85 0.49 -20.54
C THR A 31 2.32 1.83 -21.10
N ALA A 32 3.14 1.80 -22.14
CA ALA A 32 3.60 3.05 -22.75
C ALA A 32 3.49 2.96 -24.26
N THR A 33 3.16 4.09 -24.88
CA THR A 33 3.06 4.20 -26.32
C THR A 33 4.01 5.30 -26.79
N ASP A 34 4.38 5.23 -28.07
CA ASP A 34 5.20 6.27 -28.66
C ASP A 34 4.98 6.31 -30.16
N ASN A 35 5.06 7.53 -30.72
CA ASN A 35 4.83 7.72 -32.15
C ASN A 35 5.75 6.86 -33.00
N SER A 36 6.97 6.61 -32.54
CA SER A 36 7.93 5.77 -33.26
C SER A 36 7.74 4.28 -33.01
N ASN A 37 6.93 3.89 -32.01
CA ASN A 37 6.71 2.50 -31.63
C ASN A 37 8.00 1.79 -31.22
N ALA A 38 9.04 2.54 -30.92
CA ALA A 38 10.32 1.97 -30.56
C ALA A 38 10.79 2.60 -29.27
N PHE A 39 11.37 1.79 -28.39
CA PHE A 39 11.77 2.22 -27.07
C PHE A 39 13.21 1.81 -26.80
N ASP A 40 13.87 2.60 -25.95
CA ASP A 40 15.14 2.19 -25.34
C ASP A 40 14.78 1.47 -24.04
N ILE A 41 14.70 0.14 -24.12
CA ILE A 41 14.14 -0.67 -23.04
C ILE A 41 15.00 -0.62 -21.79
N ASN A 42 16.31 -0.50 -21.95
CA ASN A 42 17.21 -0.43 -20.81
C ASN A 42 17.05 0.88 -20.02
N LYS A 43 16.59 1.95 -20.66
CA LYS A 43 16.35 3.22 -19.96
C LYS A 43 14.91 3.34 -19.47
N THR A 44 14.46 2.31 -18.76
CA THR A 44 13.17 2.29 -18.09
C THR A 44 13.41 2.25 -16.58
N TYR A 45 12.74 3.15 -15.84
CA TYR A 45 12.96 3.25 -14.40
C TYR A 45 11.65 3.48 -13.66
N VAL A 46 11.54 2.85 -12.49
CA VAL A 46 10.58 3.24 -11.47
C VAL A 46 11.38 4.02 -10.43
N ARG A 47 11.16 5.33 -10.36
CA ARG A 47 12.11 6.20 -9.70
C ARG A 47 11.41 7.21 -8.81
N TRP A 48 12.22 7.96 -8.06
CA TRP A 48 11.77 9.11 -7.32
C TRP A 48 12.24 10.36 -8.06
N TYR A 49 11.91 11.53 -7.53
CA TYR A 49 12.15 12.76 -8.32
C TYR A 49 13.64 13.09 -8.48
N ASN A 50 14.49 12.73 -7.54
CA ASN A 50 15.88 13.16 -7.59
C ASN A 50 16.85 12.00 -7.87
N GLY A 51 16.37 10.91 -8.43
CA GLY A 51 17.26 9.82 -8.78
C GLY A 51 16.59 8.78 -9.64
N THR A 52 17.37 8.01 -10.41
CA THR A 52 16.79 6.93 -11.20
C THR A 52 16.60 5.65 -10.39
N ASP A 53 17.11 5.61 -9.16
CA ASP A 53 16.91 4.50 -8.24
C ASP A 53 15.48 4.55 -7.69
N SER A 54 15.06 3.46 -7.05
CA SER A 54 13.66 3.37 -6.65
C SER A 54 13.34 4.13 -5.36
N GLY A 55 14.32 4.76 -4.73
CA GLY A 55 14.09 5.72 -3.67
C GLY A 55 14.30 5.13 -2.28
N ARG A 56 14.55 6.03 -1.32
CA ARG A 56 14.82 5.59 0.07
C ARG A 56 13.53 5.09 0.70
N GLY A 57 13.61 3.93 1.32
CA GLY A 57 12.46 3.29 1.92
C GLY A 57 11.65 2.41 1.00
N THR A 58 11.84 2.52 -0.32
CA THR A 58 11.15 1.71 -1.30
C THR A 58 12.12 0.99 -2.20
N GLU A 59 13.25 0.53 -1.64
CA GLU A 59 14.24 -0.17 -2.46
C GLU A 59 13.75 -1.52 -2.96
N TRP A 60 12.64 -2.01 -2.43
CA TRP A 60 12.06 -3.30 -2.78
C TRP A 60 11.17 -3.24 -4.02
N ILE A 61 11.01 -2.06 -4.63
CA ILE A 61 10.20 -1.95 -5.84
C ILE A 61 11.06 -2.40 -7.01
N GLU A 62 10.57 -3.41 -7.74
CA GLU A 62 11.26 -3.96 -8.89
C GLU A 62 10.44 -3.72 -10.14
N LYS A 63 11.07 -3.98 -11.29
CA LYS A 63 10.44 -3.74 -12.58
C LYS A 63 10.89 -4.80 -13.56
N THR A 64 9.99 -5.19 -14.44
CA THR A 64 10.27 -6.09 -15.56
C THR A 64 9.69 -5.45 -16.80
N VAL A 65 10.50 -5.36 -17.86
CA VAL A 65 10.10 -4.59 -19.05
C VAL A 65 10.10 -5.53 -20.26
N THR A 66 8.98 -5.57 -20.97
CA THR A 66 8.89 -6.25 -22.25
C THR A 66 8.23 -5.31 -23.23
N GLN A 67 8.24 -5.69 -24.51
CA GLN A 67 7.46 -4.99 -25.52
C GLN A 67 6.63 -6.02 -26.29
N GLU A 68 5.35 -5.73 -26.45
CA GLU A 68 4.41 -6.58 -27.18
C GLU A 68 3.92 -5.75 -28.35
N GLY A 69 4.42 -6.04 -29.54
CA GLY A 69 4.08 -5.20 -30.68
C GLY A 69 4.57 -3.78 -30.44
N ASN A 70 3.64 -2.83 -30.53
CA ASN A 70 3.90 -1.42 -30.34
C ASN A 70 3.87 -0.96 -28.89
N LEU A 71 3.47 -1.83 -27.96
CA LEU A 71 3.20 -1.45 -26.58
C LEU A 71 4.34 -1.87 -25.66
N LEU A 72 4.96 -0.90 -24.99
CA LEU A 72 5.90 -1.20 -23.92
C LEU A 72 5.14 -1.60 -22.66
N LYS A 73 5.53 -2.70 -22.03
CA LYS A 73 4.88 -3.21 -20.83
C LYS A 73 5.88 -3.15 -19.68
N VAL A 74 5.60 -2.31 -18.68
CA VAL A 74 6.46 -2.18 -17.51
C VAL A 74 5.73 -2.82 -16.33
N LYS A 75 6.21 -3.98 -15.89
CA LYS A 75 5.65 -4.68 -14.73
C LYS A 75 6.28 -4.12 -13.47
N VAL A 76 5.48 -3.45 -12.64
CA VAL A 76 5.95 -2.89 -11.37
C VAL A 76 5.59 -3.89 -10.29
N HIS A 77 6.59 -4.51 -9.68
CA HIS A 77 6.29 -5.63 -8.79
C HIS A 77 7.30 -5.68 -7.66
N GLY A 78 7.03 -6.57 -6.72
CA GLY A 78 7.94 -6.78 -5.61
C GLY A 78 7.22 -7.48 -4.47
N LYS A 79 7.96 -7.62 -3.37
CA LYS A 79 7.41 -8.10 -2.11
C LYS A 79 7.70 -7.03 -1.07
N VAL A 80 6.67 -6.54 -0.42
CA VAL A 80 6.80 -5.53 0.62
C VAL A 80 7.35 -6.14 1.89
N PRO A 81 8.44 -5.62 2.45
CA PRO A 81 8.98 -6.18 3.70
C PRO A 81 7.99 -6.05 4.83
N VAL A 82 8.00 -7.05 5.72
CA VAL A 82 7.05 -7.04 6.83
C VAL A 82 7.28 -5.88 7.77
N ASP A 83 8.47 -5.26 7.75
CA ASP A 83 8.83 -4.22 8.70
C ASP A 83 9.13 -2.88 8.03
N THR A 84 8.69 -2.67 6.79
CA THR A 84 8.89 -1.37 6.18
C THR A 84 7.91 -0.36 6.78
N ASP A 85 8.23 0.93 6.62
CA ASP A 85 7.42 1.98 7.23
C ASP A 85 6.04 2.04 6.59
N ILE A 86 5.03 2.25 7.44
CA ILE A 86 3.68 2.55 7.00
C ILE A 86 3.63 3.99 6.50
N GLY A 87 3.06 4.19 5.34
CA GLY A 87 2.93 5.52 4.81
C GLY A 87 2.80 5.47 3.31
N HIS A 88 3.06 6.61 2.67
CA HIS A 88 2.97 6.68 1.22
C HIS A 88 4.13 7.47 0.66
N TYR A 89 4.39 7.26 -0.63
CA TYR A 89 5.48 7.92 -1.34
C TYR A 89 4.99 8.33 -2.72
N THR A 90 5.67 9.31 -3.32
CA THR A 90 5.48 9.63 -4.73
C THR A 90 6.65 9.07 -5.53
N ARG A 91 6.33 8.28 -6.56
CA ARG A 91 7.27 7.65 -7.44
C ARG A 91 6.80 7.84 -8.88
N TYR A 92 7.63 7.47 -9.85
CA TYR A 92 7.36 7.76 -11.25
C TYR A 92 7.78 6.59 -12.13
N VAL A 93 6.95 6.22 -13.09
CA VAL A 93 7.37 5.31 -14.15
C VAL A 93 7.94 6.17 -15.27
N MET A 94 9.23 5.98 -15.57
CA MET A 94 9.92 6.73 -16.61
C MET A 94 10.33 5.80 -17.74
N VAL A 95 9.97 6.17 -18.97
CA VAL A 95 10.34 5.41 -20.15
C VAL A 95 11.03 6.34 -21.14
N THR A 96 11.76 5.73 -22.06
CA THR A 96 12.54 6.46 -23.07
C THR A 96 12.32 5.82 -24.43
N ASP A 97 11.93 6.62 -25.42
CA ASP A 97 11.80 6.08 -26.76
C ASP A 97 13.18 5.81 -27.35
N ALA A 98 13.20 5.22 -28.55
CA ALA A 98 14.47 4.90 -29.20
C ALA A 98 15.27 6.15 -29.52
N ALA A 99 14.60 7.29 -29.74
CA ALA A 99 15.28 8.53 -30.05
C ALA A 99 15.78 9.25 -28.79
N GLY A 100 15.61 8.66 -27.61
CA GLY A 100 16.15 9.24 -26.40
C GLY A 100 15.24 10.18 -25.65
N ASN A 101 13.99 10.36 -26.11
CA ASN A 101 13.04 11.22 -25.42
C ASN A 101 12.38 10.48 -24.27
N GLN A 102 12.48 11.05 -23.07
CA GLN A 102 11.81 10.51 -21.90
C GLN A 102 10.37 10.99 -21.85
N ASN A 103 9.51 10.21 -21.17
CA ASN A 103 8.13 10.64 -21.02
C ASN A 103 8.02 11.90 -20.18
N VAL A 104 9.01 12.13 -19.29
CA VAL A 104 9.08 13.32 -18.46
C VAL A 104 10.50 13.86 -18.56
N SER A 105 10.62 15.19 -18.67
CA SER A 105 11.92 15.82 -18.81
C SER A 105 12.66 15.89 -17.47
N ASN A 106 13.98 15.90 -17.54
CA ASN A 106 14.77 16.02 -16.32
C ASN A 106 14.51 17.34 -15.60
N GLU A 107 14.00 18.31 -16.33
CA GLU A 107 13.74 19.62 -15.71
C GLU A 107 12.45 19.56 -14.90
N GLU A 108 11.46 18.84 -15.41
CA GLU A 108 10.14 18.76 -14.73
C GLU A 108 10.33 18.03 -13.40
N PHE A 109 11.16 17.01 -13.39
CA PHE A 109 11.37 16.25 -12.13
C PHE A 109 12.00 17.16 -11.10
N SER A 110 13.01 17.91 -11.55
CA SER A 110 13.67 18.84 -10.63
C SER A 110 12.65 19.77 -10.01
N ALA A 111 11.78 20.40 -10.79
CA ALA A 111 10.81 21.31 -10.14
C ALA A 111 9.79 20.49 -9.35
N ARG A 118 0.55 19.61 -9.42
CA ARG A 118 0.71 19.28 -10.85
C ARG A 118 1.16 17.82 -10.95
N ILE A 119 0.41 16.98 -11.63
CA ILE A 119 0.80 15.55 -11.73
C ILE A 119 1.56 15.29 -13.03
N LEU A 120 2.75 14.70 -12.97
CA LEU A 120 3.53 14.40 -14.19
C LEU A 120 3.10 13.06 -14.79
N ASN A 121 3.34 12.88 -16.08
CA ASN A 121 3.06 11.58 -16.73
C ASN A 121 3.83 10.47 -16.00
N GLY A 122 3.15 9.37 -15.67
CA GLY A 122 3.81 8.28 -14.99
C GLY A 122 3.92 8.44 -13.49
N GLN A 123 3.49 9.57 -12.94
CA GLN A 123 3.53 9.78 -11.50
C GLN A 123 2.47 8.94 -10.80
N PHE A 124 2.84 8.36 -9.65
CA PHE A 124 1.87 7.66 -8.83
C PHE A 124 2.24 7.77 -7.36
N ARG A 125 1.23 7.70 -6.52
CA ARG A 125 1.41 7.56 -5.09
C ARG A 125 1.31 6.09 -4.74
N ILE A 126 2.31 5.56 -4.05
CA ILE A 126 2.25 4.18 -3.56
C ILE A 126 2.02 4.25 -2.06
N VAL A 127 0.94 3.63 -1.61
CA VAL A 127 0.55 3.61 -0.20
C VAL A 127 0.90 2.24 0.36
N ILE A 128 1.67 2.21 1.44
CA ILE A 128 2.04 0.98 2.11
C ILE A 128 1.07 0.80 3.27
N ARG A 129 0.30 -0.28 3.23
CA ARG A 129 -0.71 -0.58 4.24
C ARG A 129 -0.37 -1.87 4.96
N TYR A 130 -0.99 -2.02 6.13
CA TYR A 130 -0.93 -3.24 6.91
C TYR A 130 -2.31 -3.87 6.85
N ARG A 131 -2.38 -5.14 6.46
CA ARG A 131 -3.63 -5.88 6.43
C ARG A 131 -3.78 -6.66 7.73
N PRO A 132 -4.78 -6.38 8.56
CA PRO A 132 -4.86 -7.08 9.85
C PRO A 132 -5.28 -8.53 9.68
N ASN A 133 -4.71 -9.40 10.52
CA ASN A 133 -5.18 -10.75 10.67
C ASN A 133 -6.34 -10.78 11.66
N LEU A 134 -7.36 -11.60 11.36
CA LEU A 134 -8.44 -11.80 12.32
C LEU A 134 -8.01 -12.82 13.38
N PRO A 135 -8.51 -12.70 14.60
CA PRO A 135 -8.27 -13.75 15.60
C PRO A 135 -8.91 -15.06 15.18
N GLU A 136 -8.34 -16.16 15.66
CA GLU A 136 -8.88 -17.48 15.35
C GLU A 136 -10.26 -17.67 15.95
N ASN A 137 -10.52 -17.13 17.13
CA ASN A 137 -11.78 -17.31 17.83
C ASN A 137 -12.36 -15.97 18.23
N THR A 138 -13.68 -15.89 18.24
CA THR A 138 -14.35 -14.68 18.64
C THR A 138 -14.40 -14.58 20.15
N VAL A 139 -14.63 -13.39 20.65
CA VAL A 139 -14.85 -13.13 22.07
C VAL A 139 -16.34 -13.20 22.33
N LEU A 140 -16.73 -13.93 23.37
CA LEU A 140 -18.15 -14.03 23.74
C LEU A 140 -18.53 -12.85 24.61
N VAL A 141 -19.66 -12.21 24.30
CA VAL A 141 -20.06 -10.97 24.95
C VAL A 141 -21.50 -11.09 25.40
N ASN A 142 -21.84 -10.34 26.45
CA ASN A 142 -23.19 -10.41 27.03
C ASN A 142 -24.20 -9.76 26.10
N ASN A 143 -23.87 -8.58 25.59
CA ASN A 143 -24.76 -7.79 24.74
C ASN A 143 -23.97 -7.31 23.54
N PRO A 144 -24.20 -7.84 22.35
CA PRO A 144 -23.32 -7.52 21.22
C PRO A 144 -23.44 -6.08 20.71
N SER A 145 -24.38 -5.28 21.23
N SER A 145 -24.37 -5.28 21.22
CA SER A 145 -24.45 -3.87 20.87
CA SER A 145 -24.42 -3.87 20.85
C SER A 145 -23.99 -2.95 22.00
C SER A 145 -23.99 -2.95 22.00
N GLN A 146 -23.67 -3.50 23.18
CA GLN A 146 -23.18 -2.70 24.31
C GLN A 146 -22.06 -3.47 25.01
N LEU A 147 -20.91 -3.55 24.35
CA LEU A 147 -19.76 -4.20 24.98
C LEU A 147 -19.35 -3.46 26.25
N SER A 148 -18.93 -4.22 27.25
CA SER A 148 -18.34 -3.63 28.43
C SER A 148 -16.88 -3.29 28.16
N GLU A 149 -16.30 -2.50 29.06
CA GLU A 149 -14.88 -2.18 28.92
C GLU A 149 -14.03 -3.45 28.98
N THR A 150 -14.39 -4.40 29.84
CA THR A 150 -13.66 -5.67 29.90
C THR A 150 -13.72 -6.40 28.56
N GLU A 151 -14.91 -6.44 27.96
CA GLU A 151 -15.07 -7.13 26.69
C GLU A 151 -14.29 -6.44 25.58
N LYS A 152 -14.31 -5.11 25.56
CA LYS A 152 -13.49 -4.36 24.62
C LYS A 152 -12.01 -4.67 24.79
N ASN A 153 -11.52 -4.75 26.04
CA ASN A 153 -10.11 -5.11 26.26
C ASN A 153 -9.81 -6.50 25.71
N GLN A 154 -10.74 -7.44 25.90
CA GLN A 154 -10.52 -8.80 25.42
C GLN A 154 -10.43 -8.82 23.89
N VAL A 155 -11.28 -8.06 23.22
CA VAL A 155 -11.20 -7.98 21.76
C VAL A 155 -9.87 -7.35 21.34
N ARG A 156 -9.49 -6.25 21.98
CA ARG A 156 -8.21 -5.61 21.65
C ARG A 156 -7.06 -6.59 21.84
N GLU A 157 -7.06 -7.35 22.94
CA GLU A 157 -5.97 -8.30 23.15
C GLU A 157 -6.00 -9.42 22.13
N ALA A 158 -7.19 -9.82 21.67
CA ALA A 158 -7.25 -10.85 20.65
C ALA A 158 -6.62 -10.37 19.35
N ILE A 159 -6.89 -9.12 18.98
CA ILE A 159 -6.30 -8.55 17.77
C ILE A 159 -4.78 -8.43 17.93
N LYS A 160 -4.32 -7.92 19.08
CA LYS A 160 -2.89 -7.81 19.31
C LYS A 160 -2.20 -9.16 19.20
N GLN A 161 -2.82 -10.22 19.74
CA GLN A 161 -2.21 -11.54 19.73
C GLN A 161 -2.07 -12.08 18.30
N SER A 162 -3.05 -11.82 17.43
N SER A 162 -3.04 -11.82 17.45
CA SER A 162 -3.02 -12.32 16.06
CA SER A 162 -3.03 -12.31 16.07
C SER A 162 -2.25 -11.41 15.11
C SER A 162 -2.31 -11.38 15.11
N ASN A 163 -1.73 -10.29 15.60
CA ASN A 163 -1.05 -9.30 14.78
C ASN A 163 0.28 -8.91 15.41
N PRO A 164 1.17 -9.88 15.63
CA PRO A 164 2.45 -9.56 16.29
C PRO A 164 3.33 -8.61 15.49
N ASN A 165 3.18 -8.53 14.17
CA ASN A 165 3.97 -7.61 13.36
C ASN A 165 3.37 -6.22 13.28
N LEU A 166 2.27 -5.98 13.98
CA LEU A 166 1.74 -4.64 14.16
C LEU A 166 2.37 -4.08 15.42
N ARG A 167 3.31 -3.17 15.27
CA ARG A 167 4.15 -2.70 16.36
C ARG A 167 3.77 -1.28 16.78
N PRO A 168 4.13 -0.83 17.99
CA PRO A 168 3.83 0.55 18.39
C PRO A 168 4.23 1.62 17.38
N ILE A 169 5.35 1.44 16.69
CA ILE A 169 5.83 2.45 15.69
C ILE A 169 4.90 2.55 14.46
N ASP A 170 4.14 1.49 14.20
CA ASP A 170 3.22 1.39 13.06
C ASP A 170 1.88 2.13 13.34
N VAL A 171 1.60 2.51 14.58
CA VAL A 171 0.25 2.98 14.86
C VAL A 171 0.27 4.41 15.40
N ALA A 172 -0.91 5.02 15.42
CA ALA A 172 -1.02 6.40 15.84
C ALA A 172 -0.62 6.52 17.30
N GLY A 173 0.19 7.53 17.62
CA GLY A 173 0.58 7.76 19.00
C GLY A 173 1.53 6.74 19.58
N LYS A 174 2.06 5.83 18.76
CA LYS A 174 2.87 4.71 19.22
C LYS A 174 2.24 3.99 20.39
N ASN A 175 0.92 3.85 20.38
CA ASN A 175 0.23 3.21 21.48
C ASN A 175 -0.81 2.25 20.90
N LEU A 176 -0.53 0.93 20.96
CA LEU A 176 -1.46 -0.07 20.46
C LEU A 176 -2.79 -0.04 21.19
N ASP A 177 -2.77 0.25 22.49
CA ASP A 177 -3.99 0.21 23.27
C ASP A 177 -4.95 1.33 22.90
N THR A 178 -4.44 2.46 22.42
CA THR A 178 -5.36 3.53 22.03
C THR A 178 -5.55 3.60 20.52
N ALA A 179 -4.62 3.07 19.74
CA ALA A 179 -4.77 3.06 18.29
C ALA A 179 -5.75 2.00 17.81
N ILE A 180 -5.96 0.96 18.59
CA ILE A 180 -6.97 -0.06 18.29
C ILE A 180 -8.19 0.32 19.10
N SER A 181 -9.20 0.85 18.42
N SER A 181 -9.21 0.82 18.41
CA SER A 181 -10.39 1.39 19.07
CA SER A 181 -10.38 1.40 19.06
C SER A 181 -11.56 0.44 18.80
C SER A 181 -11.58 0.47 18.80
N VAL A 182 -12.08 -0.16 19.87
CA VAL A 182 -13.19 -1.10 19.79
C VAL A 182 -14.47 -0.37 20.11
N SER A 183 -15.42 -0.35 19.18
CA SER A 183 -16.70 0.31 19.39
C SER A 183 -17.63 -0.55 20.25
N ASN A 184 -18.81 0.00 20.56
CA ASN A 184 -19.74 -0.67 21.47
C ASN A 184 -20.32 -1.95 20.89
N ASN A 185 -20.25 -2.14 19.57
CA ASN A 185 -20.74 -3.36 18.96
C ASN A 185 -19.62 -4.22 18.42
N GLY A 186 -18.38 -3.95 18.85
CA GLY A 186 -17.23 -4.77 18.49
C GLY A 186 -16.55 -4.39 17.18
N THR A 187 -17.19 -3.56 16.36
CA THR A 187 -16.50 -3.09 15.17
C THR A 187 -15.30 -2.26 15.59
N THR A 188 -14.14 -2.59 15.04
CA THR A 188 -12.87 -2.10 15.55
C THR A 188 -12.14 -1.33 14.45
N THR A 189 -11.62 -0.16 14.79
CA THR A 189 -10.83 0.65 13.87
C THR A 189 -9.41 0.72 14.36
N ILE A 190 -8.46 0.44 13.49
CA ILE A 190 -7.04 0.65 13.79
C ILE A 190 -6.59 1.90 13.04
N THR A 191 -5.99 2.86 13.76
CA THR A 191 -5.42 4.03 13.12
C THR A 191 -3.89 3.90 13.09
N PHE A 192 -3.30 4.02 11.91
CA PHE A 192 -1.88 3.81 11.72
C PHE A 192 -1.12 5.13 11.86
N ARG A 193 0.21 5.04 11.78
CA ARG A 193 1.05 6.21 12.01
C ARG A 193 0.88 7.27 10.94
N ASP A 194 0.34 6.92 9.77
CA ASP A 194 0.05 7.88 8.70
C ASP A 194 -1.39 8.37 8.75
N ASN A 195 -2.13 8.09 9.84
CA ASN A 195 -3.54 8.39 10.05
C ASN A 195 -4.48 7.67 9.09
N ARG A 196 -3.98 6.71 8.33
CA ARG A 196 -4.88 5.85 7.59
C ARG A 196 -5.47 4.81 8.55
N LYS A 197 -6.46 4.06 8.04
CA LYS A 197 -7.32 3.26 8.90
C LYS A 197 -7.51 1.86 8.32
N ALA A 198 -7.85 0.94 9.20
CA ALA A 198 -8.40 -0.36 8.84
C ALA A 198 -9.60 -0.63 9.74
N THR A 199 -10.69 -1.12 9.17
CA THR A 199 -11.91 -1.37 9.94
C THR A 199 -12.16 -2.87 9.92
N ILE A 200 -12.35 -3.45 11.10
CA ILE A 200 -12.68 -4.85 11.23
C ILE A 200 -14.12 -4.97 11.73
N GLN A 201 -14.95 -5.72 11.00
CA GLN A 201 -16.35 -5.84 11.36
C GLN A 201 -16.50 -6.58 12.67
N GLY A 202 -17.46 -6.12 13.50
CA GLY A 202 -17.68 -6.74 14.81
C GLY A 202 -18.13 -8.19 14.73
N LYS A 203 -18.82 -8.55 13.65
CA LYS A 203 -19.29 -9.93 13.50
C LYS A 203 -18.12 -10.91 13.43
N ASP A 204 -16.96 -10.46 12.92
CA ASP A 204 -15.74 -11.27 12.89
C ASP A 204 -15.03 -11.36 14.24
N LEU A 205 -15.44 -10.57 15.23
CA LEU A 205 -14.67 -10.42 16.46
C LEU A 205 -15.41 -10.90 17.71
N VAL A 206 -16.73 -10.80 17.73
CA VAL A 206 -17.53 -11.12 18.91
C VAL A 206 -18.70 -12.00 18.50
N ASP A 207 -19.17 -12.78 19.46
CA ASP A 207 -20.40 -13.55 19.34
C ASP A 207 -21.18 -13.39 20.64
N THR A 208 -22.49 -13.56 20.54
CA THR A 208 -23.32 -13.43 21.74
C THR A 208 -23.15 -14.64 22.65
N ARG A 209 -22.89 -14.38 23.93
CA ARG A 209 -22.86 -15.44 24.94
C ARG A 209 -24.24 -16.08 25.09
N ALA A 210 -24.26 -17.41 25.12
CA ALA A 210 -25.51 -18.18 25.31
C ALA A 210 -26.56 -17.80 24.27
N GLY A 211 -26.13 -17.66 23.02
CA GLY A 211 -27.01 -17.22 21.96
C GLY A 211 -27.60 -18.31 21.07
N SER A 212 -27.38 -19.59 21.39
CA SER A 212 -27.92 -20.67 20.58
C SER A 212 -29.35 -21.05 20.99
#